data_1C0L
#
_entry.id   1C0L
#
_cell.length_a   120.355
_cell.length_b   120.355
_cell.length_c   136.625
_cell.angle_alpha   90.00
_cell.angle_beta   90.00
_cell.angle_gamma   90.00
#
_symmetry.space_group_name_H-M   'I 4 2 2'
#
loop_
_entity.id
_entity.type
_entity.pdbx_description
1 polymer 'D-AMINO ACID OXIDASE'
2 non-polymer TRIFLUOROALANINE
3 non-polymer 'FLAVIN-ADENINE DINUCLEOTIDE'
4 water water
#
_entity_poly.entity_id   1
_entity_poly.type   'polypeptide(L)'
_entity_poly.pdbx_seq_one_letter_code
;LMMHSQKRVVVLGSGVIGLSSALILARKGYSVHILARDLPEDVSSQTFASPWAGANWTPFMTLTDGPRQAKWEESTFKKW
VELVPTGHAMWLKGTRRFAQNEDGLLGHWYKDITPNYRPLPSSECPPGAIGVTYDTLSVHAPKYCQYLARELQKLGATFE
RRTVTSLEQAFDGADLVVNATGLGAKSIAGIDDQAAEPIRGQTVLVKSPCKRCTMDSSDPASPAYIIPRPGGEVICGGTY
GVGDWDLSVNPETVQRILKHCLRLDPTISSDGTIEGIEVLRHNVGLRPARRGGPRVEAERIVLPLDRTKSPLSLGRGSAR
AAKEKEVTLVHAYGFSSAGYQQSWGAAEDVAQLVDEAFQRYHG
;
_entity_poly.pdbx_strand_id   A
#
# COMPACT_ATOMS: atom_id res chain seq x y z
N LEU A 1 -10.16 29.72 28.35
CA LEU A 1 -9.14 29.01 29.13
C LEU A 1 -9.43 27.51 29.17
N MET A 2 -9.42 26.86 28.00
CA MET A 2 -9.72 25.44 27.93
C MET A 2 -8.46 24.58 27.99
N MET A 3 -8.62 23.34 28.46
CA MET A 3 -7.48 22.43 28.51
C MET A 3 -7.26 21.82 27.12
N HIS A 4 -6.21 22.24 26.45
CA HIS A 4 -5.93 21.84 25.08
C HIS A 4 -5.00 20.64 24.97
N SER A 5 -5.21 19.88 23.90
CA SER A 5 -4.45 18.69 23.59
C SER A 5 -2.96 19.02 23.42
N GLN A 6 -2.13 18.12 23.93
CA GLN A 6 -0.68 18.23 23.79
C GLN A 6 -0.16 17.10 22.92
N LYS A 7 -1.09 16.48 22.20
CA LYS A 7 -0.75 15.36 21.33
C LYS A 7 -1.21 15.61 19.89
N ARG A 8 -0.70 16.71 19.32
CA ARG A 8 -1.03 17.08 17.95
C ARG A 8 -0.05 16.42 16.99
N VAL A 9 -0.60 15.75 15.99
CA VAL A 9 0.28 15.13 14.99
C VAL A 9 -0.27 15.42 13.61
N VAL A 10 0.64 15.64 12.66
CA VAL A 10 0.20 15.78 11.28
C VAL A 10 0.58 14.52 10.52
N VAL A 11 -0.37 14.02 9.74
CA VAL A 11 -0.07 12.88 8.88
C VAL A 11 -0.06 13.38 7.44
N LEU A 12 1.11 13.28 6.81
CA LEU A 12 1.28 13.75 5.44
C LEU A 12 1.07 12.58 4.49
N GLY A 13 -0.07 12.51 3.81
CA GLY A 13 -0.36 11.39 2.92
C GLY A 13 -1.64 10.70 3.37
N SER A 14 -2.50 10.36 2.43
CA SER A 14 -3.81 9.78 2.76
C SER A 14 -4.07 8.50 1.96
N GLY A 15 -3.00 7.81 1.62
CA GLY A 15 -3.11 6.47 1.04
C GLY A 15 -3.39 5.52 2.19
N VAL A 16 -3.42 4.21 1.93
CA VAL A 16 -3.73 3.25 2.98
C VAL A 16 -2.74 3.37 4.13
N ILE A 17 -1.50 3.77 3.88
CA ILE A 17 -0.52 3.83 4.98
C ILE A 17 -0.72 5.05 5.86
N GLY A 18 -0.97 6.22 5.27
CA GLY A 18 -1.23 7.40 6.08
C GLY A 18 -2.52 7.25 6.84
N LEU A 19 -3.54 6.67 6.19
CA LEU A 19 -4.82 6.47 6.85
C LEU A 19 -4.70 5.51 8.03
N SER A 20 -4.00 4.39 7.78
CA SER A 20 -3.89 3.41 8.86
C SER A 20 -3.08 3.99 10.01
N SER A 21 -1.98 4.66 9.67
CA SER A 21 -1.17 5.26 10.73
C SER A 21 -2.01 6.26 11.53
N ALA A 22 -2.70 7.14 10.81
CA ALA A 22 -3.55 8.16 11.40
C ALA A 22 -4.62 7.53 12.31
N LEU A 23 -5.17 6.39 11.88
CA LEU A 23 -6.23 5.77 12.68
C LEU A 23 -5.68 5.20 13.98
N ILE A 24 -4.55 4.50 13.91
CA ILE A 24 -4.06 3.97 15.20
C ILE A 24 -3.66 5.12 16.12
N LEU A 25 -3.09 6.19 15.56
CA LEU A 25 -2.71 7.33 16.39
C LEU A 25 -3.94 8.00 17.00
N ALA A 26 -5.00 8.13 16.20
CA ALA A 26 -6.24 8.72 16.68
C ALA A 26 -6.80 7.85 17.82
N ARG A 27 -6.72 6.54 17.62
CA ARG A 27 -7.19 5.62 18.66
C ARG A 27 -6.37 5.79 19.93
N LYS A 28 -5.10 6.14 19.80
CA LYS A 28 -4.24 6.34 20.95
C LYS A 28 -4.49 7.69 21.61
N GLY A 29 -5.43 8.46 21.05
CA GLY A 29 -5.77 9.74 21.62
C GLY A 29 -4.99 10.90 21.03
N TYR A 30 -4.22 10.68 19.98
CA TYR A 30 -3.53 11.82 19.37
C TYR A 30 -4.54 12.68 18.61
N SER A 31 -4.24 13.97 18.52
CA SER A 31 -5.07 14.86 17.71
C SER A 31 -4.50 14.84 16.31
N VAL A 32 -5.23 14.25 15.36
CA VAL A 32 -4.58 14.03 14.07
C VAL A 32 -5.20 14.83 12.93
N HIS A 33 -4.29 15.48 12.20
CA HIS A 33 -4.68 16.22 11.02
C HIS A 33 -3.98 15.60 9.80
N ILE A 34 -4.77 15.27 8.80
CA ILE A 34 -4.22 14.63 7.60
C ILE A 34 -4.13 15.64 6.45
N LEU A 35 -2.90 15.86 6.03
CA LEU A 35 -2.59 16.72 4.90
C LEU A 35 -2.26 15.85 3.69
N ALA A 36 -2.95 16.01 2.56
CA ALA A 36 -2.60 15.18 1.41
C ALA A 36 -3.13 15.76 0.11
N ARG A 37 -2.46 15.43 -1.00
CA ARG A 37 -2.96 15.86 -2.30
C ARG A 37 -4.14 15.02 -2.74
N ASP A 38 -4.03 13.71 -2.56
CA ASP A 38 -5.02 12.72 -2.94
C ASP A 38 -5.72 12.14 -1.71
N LEU A 39 -7.05 12.18 -1.73
CA LEU A 39 -7.88 11.76 -0.61
C LEU A 39 -8.67 10.50 -0.94
N PRO A 40 -9.22 9.80 0.04
CA PRO A 40 -9.89 8.52 -0.23
C PRO A 40 -11.03 8.64 -1.25
N GLU A 41 -11.57 9.83 -1.45
CA GLU A 41 -12.65 9.96 -2.44
C GLU A 41 -12.11 10.01 -3.86
N ASP A 42 -10.79 10.18 -4.02
CA ASP A 42 -10.20 10.25 -5.35
C ASP A 42 -9.94 8.85 -5.90
N VAL A 43 -11.00 8.11 -6.21
CA VAL A 43 -10.90 6.68 -6.54
C VAL A 43 -10.33 6.39 -7.92
N SER A 44 -10.05 7.39 -8.75
CA SER A 44 -9.46 7.11 -10.05
C SER A 44 -8.23 7.98 -10.27
N SER A 45 -7.69 8.52 -9.19
CA SER A 45 -6.51 9.38 -9.33
C SER A 45 -5.25 8.53 -9.51
N GLN A 46 -4.45 8.85 -10.52
CA GLN A 46 -3.24 8.06 -10.74
C GLN A 46 -2.04 8.67 -10.02
N THR A 47 -2.24 9.72 -9.23
CA THR A 47 -1.06 10.32 -8.59
C THR A 47 -0.86 9.73 -7.19
N PHE A 48 -1.58 8.66 -6.86
CA PHE A 48 -1.21 7.87 -5.68
C PHE A 48 -1.58 6.42 -6.01
N ALA A 49 -1.12 5.48 -5.20
CA ALA A 49 -1.26 4.07 -5.56
C ALA A 49 -2.47 3.38 -4.97
N SER A 50 -2.94 3.85 -3.83
CA SER A 50 -3.97 3.14 -3.07
C SER A 50 -5.28 2.89 -3.79
N PRO A 51 -5.81 3.67 -4.70
CA PRO A 51 -7.06 3.24 -5.35
C PRO A 51 -6.95 2.03 -6.26
N TRP A 52 -5.74 1.64 -6.65
CA TRP A 52 -5.55 0.64 -7.69
C TRP A 52 -5.26 -0.78 -7.21
N ALA A 53 -5.20 -1.01 -5.91
CA ALA A 53 -4.80 -2.32 -5.41
C ALA A 53 -5.89 -3.38 -5.55
N GLY A 54 -5.48 -4.63 -5.41
CA GLY A 54 -6.35 -5.79 -5.53
C GLY A 54 -7.59 -5.72 -4.66
N ALA A 55 -7.43 -5.64 -3.36
CA ALA A 55 -6.13 -5.76 -2.70
C ALA A 55 -6.14 -7.03 -1.86
N ASN A 56 -5.22 -7.96 -2.14
CA ASN A 56 -5.27 -9.17 -1.30
C ASN A 56 -3.98 -9.29 -0.49
N TRP A 57 -3.91 -10.38 0.25
CA TRP A 57 -2.79 -10.73 1.10
C TRP A 57 -1.99 -11.85 0.47
N THR A 58 -0.83 -11.49 -0.09
CA THR A 58 0.08 -12.36 -0.79
C THR A 58 1.52 -12.06 -0.42
N PRO A 59 2.08 -12.75 0.58
CA PRO A 59 3.46 -12.48 0.98
C PRO A 59 4.40 -12.60 -0.22
N PHE A 60 5.40 -11.74 -0.30
CA PHE A 60 6.31 -11.72 -1.44
C PHE A 60 7.76 -11.98 -1.05
N MET A 61 8.03 -12.11 0.25
CA MET A 61 9.41 -12.30 0.66
C MET A 61 9.55 -13.43 1.69
N THR A 62 10.76 -13.99 1.74
CA THR A 62 11.07 -14.93 2.81
C THR A 62 11.14 -14.19 4.14
N LEU A 63 11.20 -14.93 5.24
CA LEU A 63 11.35 -14.26 6.53
C LEU A 63 12.68 -13.51 6.61
N THR A 64 13.74 -14.15 6.11
CA THR A 64 15.06 -13.53 6.19
C THR A 64 15.18 -12.29 5.32
N ASP A 65 14.60 -12.32 4.13
CA ASP A 65 14.62 -11.18 3.22
C ASP A 65 13.73 -10.05 3.71
N GLY A 66 12.58 -10.38 4.29
CA GLY A 66 11.67 -9.34 4.76
C GLY A 66 11.11 -9.60 6.14
N PRO A 67 11.92 -9.51 7.18
CA PRO A 67 11.41 -9.77 8.53
C PRO A 67 10.32 -8.77 8.91
N ARG A 68 10.51 -7.50 8.58
CA ARG A 68 9.49 -6.50 8.93
C ARG A 68 8.20 -6.78 8.15
N GLN A 69 8.38 -7.05 6.86
CA GLN A 69 7.26 -7.29 5.96
C GLN A 69 6.37 -8.42 6.49
N ALA A 70 7.01 -9.52 6.87
CA ALA A 70 6.27 -10.65 7.42
C ALA A 70 5.54 -10.25 8.69
N LYS A 71 6.23 -9.53 9.58
CA LYS A 71 5.60 -9.08 10.82
C LYS A 71 4.35 -8.26 10.51
N TRP A 72 4.55 -7.32 9.59
CA TRP A 72 3.45 -6.43 9.22
C TRP A 72 2.32 -7.20 8.55
N GLU A 73 2.68 -8.16 7.71
CA GLU A 73 1.64 -8.93 7.03
C GLU A 73 0.87 -9.78 8.03
N GLU A 74 1.57 -10.42 8.96
CA GLU A 74 0.86 -11.26 9.93
C GLU A 74 -0.12 -10.46 10.76
N SER A 75 0.30 -9.26 11.17
CA SER A 75 -0.59 -8.42 11.98
C SER A 75 -1.79 -7.96 11.17
N THR A 76 -1.54 -7.54 9.93
CA THR A 76 -2.65 -7.08 9.08
C THR A 76 -3.63 -8.19 8.78
N PHE A 77 -3.16 -9.43 8.61
CA PHE A 77 -4.11 -10.52 8.34
C PHE A 77 -5.11 -10.64 9.49
N LYS A 78 -4.62 -10.56 10.73
CA LYS A 78 -5.46 -10.63 11.91
C LYS A 78 -6.52 -9.53 11.91
N LYS A 79 -6.10 -8.33 11.53
CA LYS A 79 -7.02 -7.20 11.44
C LYS A 79 -8.10 -7.46 10.39
N TRP A 80 -7.67 -7.99 9.24
CA TRP A 80 -8.64 -8.21 8.16
C TRP A 80 -9.61 -9.32 8.54
N VAL A 81 -9.15 -10.32 9.29
CA VAL A 81 -10.07 -11.38 9.74
C VAL A 81 -11.22 -10.73 10.51
N GLU A 82 -10.87 -9.77 11.37
CA GLU A 82 -11.87 -9.08 12.18
C GLU A 82 -12.85 -8.27 11.35
N LEU A 83 -12.47 -7.96 10.11
CA LEU A 83 -13.35 -7.13 9.28
C LEU A 83 -14.28 -7.96 8.40
N VAL A 84 -14.08 -9.27 8.36
CA VAL A 84 -14.98 -10.08 7.51
C VAL A 84 -16.44 -9.98 7.95
N PRO A 85 -16.80 -10.14 9.20
CA PRO A 85 -18.23 -10.06 9.58
C PRO A 85 -18.93 -8.81 9.09
N THR A 86 -18.25 -7.67 8.99
CA THR A 86 -18.96 -6.49 8.50
C THR A 86 -18.72 -6.24 7.02
N GLY A 87 -18.08 -7.19 6.33
CA GLY A 87 -17.87 -7.09 4.89
C GLY A 87 -16.73 -6.22 4.45
N HIS A 88 -15.89 -5.72 5.36
CA HIS A 88 -14.82 -4.84 4.85
C HIS A 88 -13.62 -5.66 4.37
N ALA A 89 -13.67 -6.96 4.61
CA ALA A 89 -12.68 -7.90 4.09
C ALA A 89 -13.44 -9.14 3.61
N MET A 90 -12.86 -9.86 2.67
CA MET A 90 -13.57 -11.04 2.15
C MET A 90 -12.61 -12.22 1.99
N TRP A 91 -13.12 -13.41 2.31
CA TRP A 91 -12.33 -14.61 2.16
C TRP A 91 -12.19 -14.97 0.67
N LEU A 92 -10.97 -15.32 0.31
CA LEU A 92 -10.58 -15.86 -0.97
C LEU A 92 -10.19 -17.33 -0.71
N LYS A 93 -11.21 -18.17 -0.63
CA LYS A 93 -10.99 -19.57 -0.31
C LYS A 93 -10.42 -20.32 -1.50
N GLY A 94 -9.54 -21.27 -1.21
CA GLY A 94 -8.98 -22.07 -2.28
C GLY A 94 -8.20 -21.20 -3.25
N THR A 95 -7.56 -20.17 -2.71
CA THR A 95 -6.67 -19.35 -3.51
C THR A 95 -5.61 -20.26 -4.12
N ARG A 96 -5.23 -20.04 -5.37
CA ARG A 96 -4.19 -20.84 -6.01
C ARG A 96 -2.95 -19.99 -6.27
N ARG A 97 -1.80 -20.44 -5.80
CA ARG A 97 -0.55 -19.71 -6.02
C ARG A 97 0.48 -20.57 -6.74
N PHE A 98 0.89 -20.11 -7.91
CA PHE A 98 1.86 -20.75 -8.79
C PHE A 98 3.19 -20.01 -8.82
N ALA A 99 4.27 -20.78 -8.76
CA ALA A 99 5.62 -20.22 -8.80
C ALA A 99 6.49 -21.02 -9.77
N GLN A 100 7.65 -20.49 -10.14
CA GLN A 100 8.51 -21.20 -11.08
C GLN A 100 9.19 -22.39 -10.41
N ASN A 101 9.38 -22.27 -9.10
CA ASN A 101 10.06 -23.31 -8.35
C ASN A 101 9.86 -23.16 -6.84
N GLU A 102 10.32 -24.17 -6.11
CA GLU A 102 10.18 -24.24 -4.67
C GLU A 102 10.60 -22.95 -4.00
N ASP A 103 11.69 -22.35 -4.47
CA ASP A 103 12.19 -21.11 -3.87
C ASP A 103 11.18 -19.97 -3.99
N GLY A 104 10.40 -19.97 -5.06
CA GLY A 104 9.37 -18.95 -5.25
C GLY A 104 8.23 -19.07 -4.25
N LEU A 105 8.22 -20.12 -3.44
CA LEU A 105 7.16 -20.32 -2.45
C LEU A 105 7.57 -19.76 -1.09
N LEU A 106 8.73 -19.13 -1.05
CA LEU A 106 9.18 -18.33 0.07
C LEU A 106 9.29 -19.05 1.39
N GLY A 107 9.62 -20.35 1.37
CA GLY A 107 9.80 -21.07 2.62
C GLY A 107 8.47 -21.34 3.30
N HIS A 108 7.37 -21.13 2.58
CA HIS A 108 6.04 -21.39 3.12
C HIS A 108 5.83 -20.73 4.48
N TRP A 109 6.49 -19.60 4.74
CA TRP A 109 6.51 -19.06 6.09
C TRP A 109 5.11 -18.75 6.62
N TYR A 110 4.16 -18.44 5.75
CA TYR A 110 2.86 -17.98 6.24
C TYR A 110 1.83 -19.09 6.33
N LYS A 111 2.28 -20.35 6.25
CA LYS A 111 1.34 -21.46 6.21
C LYS A 111 0.55 -21.61 7.51
N ASP A 112 0.93 -20.92 8.58
CA ASP A 112 0.13 -20.99 9.80
C ASP A 112 -0.91 -19.86 9.83
N ILE A 113 -0.79 -18.93 8.89
CA ILE A 113 -1.70 -17.78 8.90
C ILE A 113 -2.88 -17.97 7.97
N THR A 114 -2.61 -18.31 6.72
CA THR A 114 -3.66 -18.60 5.74
C THR A 114 -4.24 -20.00 5.98
N PRO A 115 -5.50 -20.11 6.34
CA PRO A 115 -6.09 -21.43 6.60
C PRO A 115 -5.97 -22.38 5.41
N ASN A 116 -5.96 -23.67 5.72
CA ASN A 116 -5.96 -24.74 4.72
C ASN A 116 -4.83 -24.63 3.73
N TYR A 117 -3.65 -24.24 4.23
CA TYR A 117 -2.49 -24.17 3.35
C TYR A 117 -2.05 -25.57 2.93
N ARG A 118 -1.85 -25.79 1.64
CA ARG A 118 -1.34 -27.10 1.22
C ARG A 118 -0.80 -27.05 -0.20
N PRO A 119 0.17 -27.91 -0.51
CA PRO A 119 0.71 -27.94 -1.86
C PRO A 119 -0.36 -28.40 -2.85
N LEU A 120 -0.19 -28.00 -4.10
CA LEU A 120 -1.06 -28.45 -5.18
C LEU A 120 -0.36 -29.49 -6.04
N PRO A 121 -1.12 -30.49 -6.45
CA PRO A 121 -0.66 -31.48 -7.43
C PRO A 121 -0.27 -30.82 -8.74
N SER A 122 0.73 -31.36 -9.44
CA SER A 122 1.17 -30.76 -10.70
C SER A 122 0.02 -30.69 -11.70
N SER A 123 -0.94 -31.59 -11.56
CA SER A 123 -2.09 -31.58 -12.47
C SER A 123 -2.93 -30.33 -12.32
N GLU A 124 -2.83 -29.68 -11.17
CA GLU A 124 -3.62 -28.47 -10.93
C GLU A 124 -2.79 -27.20 -11.03
N CYS A 125 -1.64 -27.31 -11.66
CA CYS A 125 -0.72 -26.21 -11.87
C CYS A 125 -0.45 -25.96 -13.35
N PRO A 126 -0.05 -24.76 -13.75
CA PRO A 126 0.36 -24.57 -15.15
C PRO A 126 1.51 -25.50 -15.47
N PRO A 127 1.65 -25.92 -16.72
CA PRO A 127 2.70 -26.88 -17.10
C PRO A 127 4.08 -26.47 -16.60
N GLY A 128 4.73 -27.38 -15.87
CA GLY A 128 6.05 -27.14 -15.35
C GLY A 128 6.12 -26.23 -14.15
N ALA A 129 4.99 -25.73 -13.65
CA ALA A 129 4.99 -24.85 -12.49
C ALA A 129 4.72 -25.62 -11.20
N ILE A 130 5.08 -25.00 -10.07
CA ILE A 130 4.76 -25.61 -8.78
C ILE A 130 3.70 -24.78 -8.09
N GLY A 131 2.91 -25.37 -7.20
CA GLY A 131 1.87 -24.54 -6.59
C GLY A 131 1.42 -24.95 -5.22
N VAL A 132 0.77 -24.00 -4.54
CA VAL A 132 0.17 -24.22 -3.24
C VAL A 132 -1.24 -23.62 -3.24
N THR A 133 -2.07 -24.07 -2.31
CA THR A 133 -3.41 -23.51 -2.19
C THR A 133 -3.65 -23.17 -0.73
N TYR A 134 -4.48 -22.16 -0.49
CA TYR A 134 -4.77 -21.65 0.84
C TYR A 134 -5.94 -20.69 0.80
N ASP A 135 -6.43 -20.33 1.98
CA ASP A 135 -7.47 -19.31 2.08
C ASP A 135 -6.82 -18.00 2.50
N THR A 136 -6.96 -16.98 1.65
CA THR A 136 -6.38 -15.69 2.07
C THR A 136 -7.50 -14.65 2.12
N LEU A 137 -7.14 -13.38 2.25
CA LEU A 137 -8.15 -12.33 2.35
C LEU A 137 -7.92 -11.20 1.37
N SER A 138 -9.00 -10.51 1.01
CA SER A 138 -8.90 -9.36 0.13
C SER A 138 -9.80 -8.23 0.63
N VAL A 139 -9.42 -7.00 0.29
CA VAL A 139 -10.25 -5.85 0.61
C VAL A 139 -10.50 -5.10 -0.71
N HIS A 140 -11.56 -4.32 -0.72
CA HIS A 140 -11.88 -3.44 -1.83
C HIS A 140 -11.08 -2.17 -1.60
N ALA A 141 -9.98 -2.02 -2.33
CA ALA A 141 -8.97 -1.00 -2.03
C ALA A 141 -9.59 0.38 -1.87
N PRO A 142 -10.24 1.02 -2.84
CA PRO A 142 -10.75 2.37 -2.53
C PRO A 142 -11.79 2.35 -1.42
N LYS A 143 -12.69 1.36 -1.37
CA LYS A 143 -13.68 1.38 -0.30
C LYS A 143 -13.06 1.14 1.07
N TYR A 144 -11.98 0.38 1.13
CA TYR A 144 -11.28 0.13 2.39
C TYR A 144 -10.71 1.43 2.93
N CYS A 145 -10.16 2.24 2.02
CA CYS A 145 -9.60 3.53 2.42
C CYS A 145 -10.70 4.46 2.90
N GLN A 146 -11.86 4.40 2.24
CA GLN A 146 -12.99 5.24 2.65
C GLN A 146 -13.49 4.81 4.02
N TYR A 147 -13.41 3.50 4.26
CA TYR A 147 -13.79 2.93 5.55
C TYR A 147 -12.88 3.47 6.63
N LEU A 148 -11.57 3.49 6.35
CA LEU A 148 -10.64 3.99 7.35
C LEU A 148 -10.89 5.48 7.62
N ALA A 149 -11.20 6.22 6.56
CA ALA A 149 -11.46 7.66 6.70
C ALA A 149 -12.70 7.90 7.57
N ARG A 150 -13.73 7.09 7.40
CA ARG A 150 -14.91 7.20 8.25
C ARG A 150 -14.55 6.94 9.71
N GLU A 151 -13.72 5.93 9.95
CA GLU A 151 -13.31 5.63 11.33
C GLU A 151 -12.53 6.81 11.90
N LEU A 152 -11.68 7.37 11.06
CA LEU A 152 -10.91 8.54 11.49
C LEU A 152 -11.80 9.73 11.83
N GLN A 153 -12.83 9.98 11.02
CA GLN A 153 -13.78 11.04 11.27
C GLN A 153 -14.39 10.95 12.68
N LYS A 154 -14.88 9.76 13.00
CA LYS A 154 -15.48 9.54 14.30
C LYS A 154 -14.47 9.77 15.42
N LEU A 155 -13.21 9.45 15.17
CA LEU A 155 -12.22 9.67 16.25
C LEU A 155 -11.73 11.11 16.28
N GLY A 156 -12.33 11.97 15.46
CA GLY A 156 -11.99 13.38 15.49
C GLY A 156 -10.84 13.79 14.61
N ALA A 157 -10.33 12.90 13.76
CA ALA A 157 -9.24 13.32 12.87
C ALA A 157 -9.79 14.23 11.77
N THR A 158 -8.95 15.12 11.24
CA THR A 158 -9.44 16.00 10.19
C THR A 158 -8.56 15.83 8.95
N PHE A 159 -9.12 16.26 7.83
CA PHE A 159 -8.47 16.12 6.54
C PHE A 159 -8.33 17.46 5.83
N GLU A 160 -7.23 17.62 5.09
CA GLU A 160 -7.05 18.85 4.32
C GLU A 160 -6.31 18.54 3.02
N ARG A 161 -6.87 19.00 1.91
CA ARG A 161 -6.19 18.81 0.64
C ARG A 161 -5.05 19.82 0.50
N ARG A 162 -3.82 19.33 0.39
CA ARG A 162 -2.65 20.19 0.26
C ARG A 162 -1.52 19.44 -0.43
N THR A 163 -0.73 20.17 -1.20
CA THR A 163 0.43 19.59 -1.88
C THR A 163 1.71 20.27 -1.37
N VAL A 164 2.49 19.53 -0.60
CA VAL A 164 3.69 20.06 0.03
C VAL A 164 4.94 19.94 -0.82
N THR A 165 5.77 20.98 -0.81
CA THR A 165 7.02 21.01 -1.57
C THR A 165 8.23 21.14 -0.66
N SER A 166 7.97 21.43 0.61
CA SER A 166 9.04 21.58 1.60
C SER A 166 8.51 21.24 2.98
N LEU A 167 9.31 20.56 3.79
CA LEU A 167 8.90 20.03 5.09
C LEU A 167 8.23 21.04 6.00
N GLU A 168 8.72 22.28 6.04
CA GLU A 168 8.13 23.22 7.00
C GLU A 168 6.64 23.43 6.74
N GLN A 169 6.22 23.21 5.50
CA GLN A 169 4.81 23.33 5.16
C GLN A 169 3.97 22.26 5.83
N ALA A 170 4.60 21.15 6.21
CA ALA A 170 3.87 20.07 6.87
C ALA A 170 3.90 20.26 8.38
N PHE A 171 4.97 20.88 8.89
CA PHE A 171 5.08 21.12 10.33
C PHE A 171 4.29 22.34 10.77
N ASP A 172 3.13 22.53 10.18
CA ASP A 172 2.20 23.60 10.54
C ASP A 172 1.19 23.06 11.55
N GLY A 173 1.28 23.52 12.79
CA GLY A 173 0.34 23.06 13.79
C GLY A 173 0.75 21.77 14.48
N ALA A 174 1.92 21.23 14.15
CA ALA A 174 2.38 20.03 14.85
C ALA A 174 3.90 19.93 14.83
N ASP A 175 4.49 19.41 15.90
CA ASP A 175 5.94 19.25 15.96
C ASP A 175 6.38 17.86 15.53
N LEU A 176 5.41 17.03 15.18
CA LEU A 176 5.70 15.69 14.65
C LEU A 176 4.83 15.46 13.41
N VAL A 177 5.48 14.98 12.35
CA VAL A 177 4.77 14.66 11.11
C VAL A 177 5.01 13.22 10.71
N VAL A 178 3.95 12.52 10.31
CA VAL A 178 4.14 11.19 9.75
C VAL A 178 4.25 11.33 8.23
N ASN A 179 5.36 10.94 7.64
CA ASN A 179 5.55 11.07 6.20
C ASN A 179 5.16 9.78 5.47
N ALA A 180 3.93 9.75 4.98
CA ALA A 180 3.37 8.65 4.21
C ALA A 180 3.02 9.10 2.80
N THR A 181 4.00 9.66 2.11
CA THR A 181 3.82 10.28 0.80
C THR A 181 4.10 9.36 -0.37
N GLY A 182 4.42 8.09 -0.15
CA GLY A 182 4.69 7.21 -1.29
C GLY A 182 5.81 7.74 -2.18
N LEU A 183 5.54 7.90 -3.46
CA LEU A 183 6.52 8.40 -4.40
C LEU A 183 6.88 9.86 -4.13
N GLY A 184 5.99 10.58 -3.46
CA GLY A 184 6.19 12.00 -3.22
C GLY A 184 7.40 12.33 -2.39
N ALA A 185 7.86 11.36 -1.60
CA ALA A 185 8.99 11.54 -0.72
C ALA A 185 10.24 11.98 -1.46
N LYS A 186 10.33 11.67 -2.76
CA LYS A 186 11.53 12.03 -3.49
C LYS A 186 11.62 13.52 -3.77
N SER A 187 10.48 14.19 -3.94
CA SER A 187 10.56 15.60 -4.38
C SER A 187 10.13 16.60 -3.32
N ILE A 188 9.96 16.17 -2.08
CA ILE A 188 9.68 17.13 -1.01
C ILE A 188 10.99 17.57 -0.36
N ALA A 189 11.28 18.87 -0.37
CA ALA A 189 12.52 19.34 0.24
C ALA A 189 12.54 19.00 1.73
N GLY A 190 13.63 18.40 2.17
CA GLY A 190 13.79 17.97 3.55
C GLY A 190 13.69 16.44 3.64
N ILE A 191 13.18 15.84 2.57
CA ILE A 191 13.16 14.37 2.49
C ILE A 191 14.05 13.94 1.33
N ASP A 192 13.73 14.41 0.13
CA ASP A 192 14.63 14.26 -1.01
C ASP A 192 15.08 12.84 -1.27
N ASP A 193 14.24 11.85 -1.01
CA ASP A 193 14.71 10.47 -1.12
C ASP A 193 14.81 9.99 -2.56
N GLN A 194 16.04 9.94 -3.08
CA GLN A 194 16.25 9.49 -4.45
C GLN A 194 15.96 8.01 -4.62
N ALA A 195 15.85 7.27 -3.53
CA ALA A 195 15.64 5.83 -3.62
C ALA A 195 14.19 5.49 -3.95
N ALA A 196 13.27 6.42 -3.71
CA ALA A 196 11.87 6.18 -4.04
C ALA A 196 11.75 5.89 -5.53
N GLU A 197 10.97 4.87 -5.89
CA GLU A 197 10.80 4.53 -7.29
C GLU A 197 9.41 3.95 -7.53
N PRO A 198 8.83 4.21 -8.69
CA PRO A 198 7.56 3.56 -9.04
C PRO A 198 7.75 2.16 -9.58
N ILE A 199 6.71 1.34 -9.39
CA ILE A 199 6.65 0.05 -10.07
C ILE A 199 5.25 -0.01 -10.68
N ARG A 200 5.24 0.17 -12.00
CA ARG A 200 4.01 0.29 -12.76
C ARG A 200 3.20 -1.00 -12.79
N GLY A 201 1.91 -0.85 -12.50
CA GLY A 201 1.01 -1.98 -12.51
C GLY A 201 -0.23 -1.70 -13.33
N GLN A 202 -0.37 -2.38 -14.46
CA GLN A 202 -1.57 -2.26 -15.28
C GLN A 202 -2.51 -3.43 -14.98
N THR A 203 -3.81 -3.17 -14.90
CA THR A 203 -4.78 -4.21 -14.67
C THR A 203 -6.07 -3.98 -15.47
N VAL A 204 -6.88 -5.02 -15.49
CA VAL A 204 -8.21 -4.98 -16.09
C VAL A 204 -9.23 -5.29 -15.00
N LEU A 205 -10.15 -4.37 -14.75
CA LEU A 205 -11.22 -4.64 -13.80
C LEU A 205 -12.35 -5.30 -14.59
N VAL A 206 -12.82 -6.43 -14.09
CA VAL A 206 -13.81 -7.24 -14.80
C VAL A 206 -15.05 -7.49 -13.96
N LYS A 207 -16.20 -7.55 -14.61
CA LYS A 207 -17.45 -7.89 -13.95
C LYS A 207 -17.59 -9.41 -13.95
N SER A 208 -17.53 -10.04 -12.78
CA SER A 208 -17.58 -11.50 -12.77
C SER A 208 -17.93 -12.03 -11.39
N PRO A 209 -18.68 -13.12 -11.36
CA PRO A 209 -19.03 -13.73 -10.07
C PRO A 209 -17.92 -14.65 -9.59
N CYS A 210 -16.88 -14.81 -10.39
CA CYS A 210 -15.72 -15.64 -10.03
C CYS A 210 -15.25 -15.28 -8.63
N LYS A 211 -15.16 -16.26 -7.74
CA LYS A 211 -14.73 -15.92 -6.37
C LYS A 211 -13.40 -16.56 -6.04
N ARG A 212 -12.79 -17.16 -7.06
CA ARG A 212 -11.51 -17.84 -6.92
C ARG A 212 -10.35 -16.93 -7.26
N CYS A 213 -9.39 -16.85 -6.35
CA CYS A 213 -8.17 -16.07 -6.55
C CYS A 213 -7.05 -16.96 -7.08
N THR A 214 -6.34 -16.47 -8.09
CA THR A 214 -5.21 -17.19 -8.64
C THR A 214 -4.03 -16.24 -8.82
N MET A 215 -2.92 -16.53 -8.16
CA MET A 215 -1.70 -15.73 -8.26
C MET A 215 -0.64 -16.53 -9.02
N ASP A 216 -0.30 -16.09 -10.22
CA ASP A 216 0.66 -16.86 -11.01
C ASP A 216 1.96 -16.14 -11.26
N SER A 217 3.03 -16.59 -10.61
CA SER A 217 4.33 -15.99 -10.90
C SER A 217 5.25 -17.04 -11.54
N SER A 218 4.65 -18.09 -12.11
CA SER A 218 5.45 -19.16 -12.70
C SER A 218 5.98 -18.81 -14.09
N ASP A 219 5.38 -17.83 -14.75
CA ASP A 219 5.83 -17.43 -16.08
C ASP A 219 6.52 -16.08 -16.01
N PRO A 220 7.86 -16.09 -16.00
CA PRO A 220 8.61 -14.84 -15.86
C PRO A 220 8.35 -13.89 -17.02
N ALA A 221 7.81 -14.40 -18.14
CA ALA A 221 7.55 -13.50 -19.25
C ALA A 221 6.13 -12.94 -19.17
N SER A 222 5.34 -13.45 -18.23
CA SER A 222 3.96 -12.97 -18.14
C SER A 222 3.41 -13.00 -16.73
N PRO A 223 3.56 -11.92 -15.96
CA PRO A 223 2.99 -11.91 -14.61
C PRO A 223 1.48 -11.95 -14.72
N ALA A 224 0.81 -12.75 -13.89
CA ALA A 224 -0.64 -12.83 -14.01
C ALA A 224 -1.29 -13.10 -12.65
N TYR A 225 -2.45 -12.47 -12.45
CA TYR A 225 -3.21 -12.73 -11.23
C TYR A 225 -4.69 -12.35 -11.44
N ILE A 226 -5.53 -13.07 -10.71
CA ILE A 226 -6.97 -12.84 -10.68
C ILE A 226 -7.37 -12.64 -9.22
N ILE A 227 -7.76 -11.40 -8.89
CA ILE A 227 -8.12 -11.14 -7.50
C ILE A 227 -9.56 -10.67 -7.39
N PRO A 228 -10.45 -11.56 -6.93
CA PRO A 228 -11.83 -11.13 -6.68
C PRO A 228 -11.88 -10.12 -5.55
N ARG A 229 -12.80 -9.15 -5.65
CA ARG A 229 -12.95 -8.20 -4.55
C ARG A 229 -14.42 -8.09 -4.20
N PRO A 230 -14.73 -7.61 -3.01
CA PRO A 230 -16.13 -7.43 -2.62
C PRO A 230 -16.88 -6.64 -3.69
N GLY A 231 -18.00 -7.17 -4.14
CA GLY A 231 -18.83 -6.48 -5.10
C GLY A 231 -19.10 -7.15 -6.42
N GLY A 232 -18.69 -8.40 -6.63
CA GLY A 232 -18.98 -9.04 -7.91
C GLY A 232 -18.01 -8.63 -9.01
N GLU A 233 -16.81 -8.21 -8.62
CA GLU A 233 -15.77 -7.81 -9.55
C GLU A 233 -14.46 -8.53 -9.27
N VAL A 234 -13.65 -8.64 -10.33
CA VAL A 234 -12.35 -9.27 -10.19
C VAL A 234 -11.31 -8.40 -10.88
N ILE A 235 -10.14 -8.31 -10.25
CA ILE A 235 -9.05 -7.55 -10.86
C ILE A 235 -8.07 -8.54 -11.49
N CYS A 236 -7.85 -8.37 -12.78
CA CYS A 236 -6.92 -9.19 -13.54
C CYS A 236 -5.62 -8.42 -13.81
N GLY A 237 -4.51 -9.00 -13.38
CA GLY A 237 -3.20 -8.42 -13.58
C GLY A 237 -2.28 -9.37 -14.31
N GLY A 238 -1.06 -8.93 -14.61
CA GLY A 238 -0.61 -7.60 -14.25
C GLY A 238 0.78 -7.28 -14.77
N THR A 239 1.34 -6.18 -14.28
CA THR A 239 2.68 -5.78 -14.65
C THR A 239 3.48 -5.31 -13.44
N TYR A 240 4.80 -5.40 -13.55
CA TYR A 240 5.72 -4.88 -12.55
C TYR A 240 6.82 -4.13 -13.27
N GLY A 241 6.50 -2.91 -13.72
CA GLY A 241 7.45 -2.10 -14.45
C GLY A 241 8.28 -1.25 -13.50
N VAL A 242 9.42 -1.77 -13.08
CA VAL A 242 10.29 -1.06 -12.16
C VAL A 242 10.81 0.23 -12.77
N GLY A 243 10.59 1.35 -12.09
CA GLY A 243 11.03 2.64 -12.56
C GLY A 243 10.22 3.18 -13.72
N ASP A 244 9.11 2.53 -14.06
CA ASP A 244 8.26 2.96 -15.17
C ASP A 244 7.16 3.88 -14.68
N TRP A 245 7.08 5.11 -15.20
CA TRP A 245 6.13 6.10 -14.76
C TRP A 245 4.93 6.22 -15.69
N ASP A 246 4.94 5.45 -16.77
CA ASP A 246 3.91 5.53 -17.81
C ASP A 246 2.51 5.30 -17.27
N LEU A 247 1.65 6.31 -17.38
CA LEU A 247 0.30 6.17 -16.87
C LEU A 247 -0.69 5.75 -17.94
N SER A 248 -0.23 5.59 -19.16
CA SER A 248 -1.14 5.22 -20.25
C SER A 248 -1.37 3.71 -20.30
N VAL A 249 -2.54 3.34 -20.80
CA VAL A 249 -2.95 1.96 -20.96
C VAL A 249 -2.28 1.34 -22.18
N ASN A 250 -1.60 0.22 -21.99
CA ASN A 250 -0.93 -0.52 -23.06
C ASN A 250 -1.92 -1.55 -23.60
N PRO A 251 -2.35 -1.39 -24.84
CA PRO A 251 -3.34 -2.31 -25.42
C PRO A 251 -2.79 -3.72 -25.57
N GLU A 252 -1.51 -3.86 -25.86
CA GLU A 252 -0.93 -5.20 -25.99
C GLU A 252 -0.94 -5.92 -24.64
N THR A 253 -0.62 -5.16 -23.60
CA THR A 253 -0.64 -5.68 -22.24
C THR A 253 -2.04 -6.19 -21.88
N VAL A 254 -3.06 -5.49 -22.35
CA VAL A 254 -4.44 -5.92 -22.13
C VAL A 254 -4.63 -7.35 -22.63
N GLN A 255 -4.24 -7.58 -23.88
CA GLN A 255 -4.39 -8.88 -24.52
C GLN A 255 -3.67 -9.96 -23.71
N ARG A 256 -2.42 -9.69 -23.34
CA ARG A 256 -1.63 -10.67 -22.62
C ARG A 256 -2.27 -11.00 -21.27
N ILE A 257 -2.70 -9.95 -20.57
CA ILE A 257 -3.30 -10.17 -19.25
C ILE A 257 -4.57 -11.01 -19.38
N LEU A 258 -5.47 -10.60 -20.26
CA LEU A 258 -6.72 -11.37 -20.38
C LEU A 258 -6.46 -12.77 -20.88
N LYS A 259 -5.56 -12.94 -21.85
CA LYS A 259 -5.34 -14.30 -22.35
C LYS A 259 -4.82 -15.19 -21.22
N HIS A 260 -3.79 -14.71 -20.56
CA HIS A 260 -3.19 -15.47 -19.46
C HIS A 260 -4.22 -15.74 -18.37
N CYS A 261 -4.93 -14.70 -17.93
CA CYS A 261 -5.90 -14.92 -16.86
C CYS A 261 -6.95 -15.92 -17.31
N LEU A 262 -7.28 -15.93 -18.60
CA LEU A 262 -8.28 -16.89 -19.08
C LEU A 262 -7.74 -18.31 -18.99
N ARG A 263 -6.46 -18.49 -19.30
CA ARG A 263 -5.85 -19.80 -19.11
C ARG A 263 -6.04 -20.27 -17.66
N LEU A 264 -5.73 -19.38 -16.73
CA LEU A 264 -5.77 -19.65 -15.30
C LEU A 264 -7.18 -19.96 -14.82
N ASP A 265 -8.17 -19.23 -15.32
CA ASP A 265 -9.53 -19.42 -14.83
C ASP A 265 -10.57 -18.88 -15.81
N PRO A 266 -11.07 -19.79 -16.64
CA PRO A 266 -12.06 -19.46 -17.67
C PRO A 266 -13.32 -18.85 -17.09
N THR A 267 -13.60 -19.05 -15.81
CA THR A 267 -14.89 -18.54 -15.32
C THR A 267 -14.86 -17.02 -15.14
N ILE A 268 -13.76 -16.36 -15.49
CA ILE A 268 -13.72 -14.90 -15.42
C ILE A 268 -14.47 -14.33 -16.63
N SER A 269 -14.74 -15.23 -17.57
CA SER A 269 -15.50 -14.95 -18.78
C SER A 269 -16.91 -15.50 -18.66
N SER A 270 -17.84 -14.97 -19.44
CA SER A 270 -19.21 -15.49 -19.39
C SER A 270 -19.29 -16.82 -20.14
N ASP A 271 -18.44 -16.95 -21.16
CA ASP A 271 -18.48 -18.14 -22.00
C ASP A 271 -17.10 -18.77 -22.12
N GLY A 272 -16.23 -18.41 -21.18
CA GLY A 272 -14.88 -18.95 -21.18
C GLY A 272 -14.08 -18.43 -22.35
N THR A 273 -14.51 -17.31 -22.93
CA THR A 273 -13.76 -16.74 -24.05
C THR A 273 -13.29 -15.33 -23.71
N ILE A 274 -12.21 -14.88 -24.32
CA ILE A 274 -11.75 -13.52 -24.02
C ILE A 274 -12.85 -12.53 -24.37
N GLU A 275 -13.53 -12.79 -25.48
CA GLU A 275 -14.62 -11.93 -25.93
C GLU A 275 -15.81 -12.00 -24.99
N GLY A 276 -15.80 -13.05 -24.16
CA GLY A 276 -16.86 -13.20 -23.18
C GLY A 276 -16.54 -12.53 -21.87
N ILE A 277 -15.40 -11.87 -21.76
CA ILE A 277 -15.05 -11.21 -20.50
C ILE A 277 -15.68 -9.83 -20.41
N GLU A 278 -16.40 -9.55 -19.34
CA GLU A 278 -17.04 -8.26 -19.20
C GLU A 278 -16.11 -7.21 -18.59
N VAL A 279 -15.48 -6.41 -19.45
CA VAL A 279 -14.55 -5.40 -19.00
C VAL A 279 -15.24 -4.18 -18.40
N LEU A 280 -14.80 -3.79 -17.21
CA LEU A 280 -15.35 -2.63 -16.54
C LEU A 280 -14.45 -1.40 -16.70
N ARG A 281 -13.15 -1.63 -16.58
CA ARG A 281 -12.20 -0.51 -16.64
C ARG A 281 -10.78 -1.01 -16.85
N HIS A 282 -9.98 -0.19 -17.53
CA HIS A 282 -8.56 -0.44 -17.72
C HIS A 282 -7.80 0.48 -16.78
N ASN A 283 -6.93 -0.09 -15.96
CA ASN A 283 -6.26 0.69 -14.94
C ASN A 283 -4.75 0.64 -15.00
N VAL A 284 -4.14 1.75 -14.62
CA VAL A 284 -2.69 1.83 -14.47
C VAL A 284 -2.38 2.61 -13.19
N GLY A 285 -1.71 1.95 -12.26
CA GLY A 285 -1.31 2.61 -11.02
C GLY A 285 0.20 2.48 -10.84
N LEU A 286 0.80 3.40 -10.09
CA LEU A 286 2.24 3.31 -9.86
C LEU A 286 2.48 2.88 -8.42
N ARG A 287 3.02 1.67 -8.23
CA ARG A 287 3.31 1.28 -6.84
C ARG A 287 4.42 2.18 -6.30
N PRO A 288 4.31 2.70 -5.09
CA PRO A 288 5.39 3.52 -4.53
C PRO A 288 6.41 2.62 -3.84
N ALA A 289 7.47 2.29 -4.57
CA ALA A 289 8.50 1.41 -4.01
C ALA A 289 9.72 2.23 -3.59
N ARG A 290 10.73 1.54 -3.07
CA ARG A 290 11.92 2.25 -2.61
C ARG A 290 13.11 1.31 -2.61
N ARG A 291 14.17 1.68 -3.32
CA ARG A 291 15.36 0.84 -3.25
C ARG A 291 15.86 0.81 -1.81
N GLY A 292 16.08 -0.38 -1.26
CA GLY A 292 16.49 -0.50 0.12
C GLY A 292 15.32 -0.87 1.01
N GLY A 293 14.15 -1.06 0.41
CA GLY A 293 12.93 -1.46 1.09
C GLY A 293 12.15 -0.33 1.69
N PRO A 294 10.97 -0.63 2.24
CA PRO A 294 10.14 0.40 2.86
C PRO A 294 10.90 1.08 4.01
N ARG A 295 10.61 2.37 4.16
CA ARG A 295 11.23 3.20 5.19
C ARG A 295 10.25 3.50 6.31
N VAL A 296 10.52 2.94 7.47
CA VAL A 296 9.69 3.14 8.66
C VAL A 296 10.65 3.45 9.82
N GLU A 297 10.83 4.73 10.08
CA GLU A 297 11.76 5.18 11.11
C GLU A 297 11.58 6.66 11.42
N ALA A 298 12.01 7.07 12.61
CA ALA A 298 11.85 8.45 13.06
C ALA A 298 13.15 9.22 12.92
N GLU A 299 13.03 10.44 12.44
CA GLU A 299 14.18 11.30 12.21
C GLU A 299 13.97 12.64 12.91
N ARG A 300 15.06 13.21 13.42
CA ARG A 300 15.00 14.51 14.06
C ARG A 300 15.52 15.56 13.07
N ILE A 301 14.70 16.56 12.79
CA ILE A 301 15.08 17.53 11.77
C ILE A 301 14.99 18.97 12.24
N VAL A 302 15.98 19.76 11.82
CA VAL A 302 16.02 21.17 12.17
C VAL A 302 15.37 22.00 11.07
N LEU A 303 14.47 22.87 11.48
CA LEU A 303 13.78 23.83 10.64
C LEU A 303 14.20 25.25 11.03
N PRO A 304 14.35 26.14 10.07
CA PRO A 304 14.08 25.85 8.66
C PRO A 304 15.20 25.11 7.95
N LEU A 305 14.83 24.47 6.85
CA LEU A 305 15.78 23.79 5.98
C LEU A 305 16.75 24.80 5.36
N ASP A 306 17.94 24.31 5.03
CA ASP A 306 18.93 25.09 4.31
C ASP A 306 19.30 24.29 3.06
N ARG A 307 19.97 24.92 2.10
CA ARG A 307 20.34 24.24 0.85
C ARG A 307 21.34 23.12 1.13
N THR A 308 21.96 23.13 2.32
CA THR A 308 22.83 22.02 2.69
C THR A 308 22.00 20.78 3.00
N LYS A 309 20.87 20.96 3.69
CA LYS A 309 20.02 19.80 3.98
C LYS A 309 19.34 19.27 2.73
N SER A 310 18.83 20.19 1.90
CA SER A 310 18.10 19.79 0.72
C SER A 310 18.44 20.61 -0.52
N PRO A 311 18.78 19.94 -1.62
CA PRO A 311 19.04 20.63 -2.87
C PRO A 311 17.79 21.36 -3.37
N LEU A 312 16.63 20.93 -2.89
CA LEU A 312 15.36 21.54 -3.30
C LEU A 312 14.84 22.57 -2.33
N SER A 313 15.65 22.98 -1.35
CA SER A 313 15.14 23.95 -0.37
C SER A 313 14.71 25.24 -1.08
N LEU A 314 13.67 25.88 -0.54
CA LEU A 314 13.11 27.09 -1.13
C LEU A 314 13.87 28.34 -0.68
N GLY A 315 13.69 29.46 -1.38
CA GLY A 315 14.43 30.68 -1.05
C GLY A 315 15.84 30.64 -1.61
N ARG A 316 16.72 31.53 -1.16
CA ARG A 316 18.08 31.61 -1.66
C ARG A 316 19.03 30.57 -1.07
N GLY A 317 19.88 30.04 -1.92
CA GLY A 317 20.87 29.02 -1.62
C GLY A 317 21.68 29.37 -0.38
N SER A 318 21.89 30.67 -0.19
CA SER A 318 22.57 31.20 0.99
C SER A 318 21.55 31.44 2.09
N ALA A 319 21.48 30.55 3.08
CA ALA A 319 20.47 30.74 4.11
C ALA A 319 20.96 30.29 5.49
N ARG A 320 20.30 30.86 6.50
CA ARG A 320 20.55 30.56 7.90
C ARG A 320 19.20 30.46 8.60
N ALA A 321 18.87 31.07 9.68
CA ALA A 321 19.13 31.92 10.78
C ALA A 321 17.94 31.92 11.76
N ALA A 322 16.97 32.76 11.44
CA ALA A 322 15.74 32.93 12.19
C ALA A 322 14.52 32.52 11.36
N LYS A 323 13.64 31.71 11.95
CA LYS A 323 13.81 31.22 13.30
C LYS A 323 14.73 30.00 13.32
N GLU A 324 14.31 28.94 14.00
CA GLU A 324 15.08 27.72 14.12
C GLU A 324 14.46 26.78 15.15
N LYS A 325 14.02 25.62 14.68
CA LYS A 325 13.41 24.64 15.57
C LYS A 325 13.73 23.22 15.11
N GLU A 326 13.67 22.30 16.07
CA GLU A 326 13.88 20.89 15.82
C GLU A 326 12.53 20.17 15.85
N VAL A 327 12.26 19.31 14.88
CA VAL A 327 10.97 18.63 14.87
C VAL A 327 11.18 17.14 14.60
N THR A 328 10.12 16.35 14.75
CA THR A 328 10.22 14.92 14.51
C THR A 328 9.51 14.51 13.21
N LEU A 329 10.20 13.74 12.38
CA LEU A 329 9.65 13.22 11.14
C LEU A 329 9.65 11.70 11.16
N VAL A 330 8.47 11.10 11.14
CA VAL A 330 8.37 9.64 11.15
C VAL A 330 8.02 9.15 9.75
N HIS A 331 8.99 8.54 9.10
CA HIS A 331 8.81 8.03 7.74
C HIS A 331 7.97 6.77 7.70
N ALA A 332 7.13 6.66 6.68
CA ALA A 332 6.31 5.48 6.42
C ALA A 332 6.00 5.41 4.93
N TYR A 333 6.97 5.01 4.12
CA TYR A 333 6.74 4.96 2.68
C TYR A 333 7.65 3.94 2.00
N GLY A 334 7.28 3.54 0.80
CA GLY A 334 8.03 2.61 -0.03
C GLY A 334 7.57 1.17 0.11
N PHE A 335 6.28 0.96 0.30
CA PHE A 335 5.73 -0.39 0.51
C PHE A 335 5.51 -1.15 -0.79
N SER A 336 5.78 -0.52 -1.93
CA SER A 336 5.74 -1.23 -3.21
C SER A 336 4.44 -1.95 -3.46
N SER A 337 4.50 -3.26 -3.73
CA SER A 337 3.30 -4.04 -4.02
C SER A 337 2.61 -4.60 -2.80
N ALA A 338 2.98 -4.18 -1.60
CA ALA A 338 2.44 -4.78 -0.38
C ALA A 338 1.93 -3.79 0.65
N GLY A 339 1.59 -2.58 0.22
CA GLY A 339 1.08 -1.54 1.11
C GLY A 339 -0.17 -1.93 1.85
N TYR A 340 -1.12 -2.59 1.18
CA TYR A 340 -2.34 -2.96 1.89
C TYR A 340 -2.08 -4.08 2.89
N GLN A 341 -1.49 -5.17 2.41
CA GLN A 341 -1.27 -6.34 3.27
C GLN A 341 -0.31 -6.05 4.41
N GLN A 342 0.44 -4.95 4.34
CA GLN A 342 1.35 -4.60 5.42
C GLN A 342 0.85 -3.42 6.24
N SER A 343 -0.21 -2.76 5.80
CA SER A 343 -0.62 -1.46 6.33
C SER A 343 -0.87 -1.44 7.83
N TRP A 344 -1.57 -2.43 8.37
CA TRP A 344 -1.88 -2.37 9.80
C TRP A 344 -0.64 -2.56 10.66
N GLY A 345 0.17 -3.56 10.34
CA GLY A 345 1.39 -3.76 11.12
C GLY A 345 2.30 -2.55 11.00
N ALA A 346 2.41 -2.01 9.78
CA ALA A 346 3.28 -0.85 9.60
C ALA A 346 2.78 0.33 10.45
N ALA A 347 1.47 0.53 10.43
CA ALA A 347 0.88 1.61 11.22
C ALA A 347 1.18 1.42 12.69
N GLU A 348 1.17 0.17 13.13
CA GLU A 348 1.51 -0.14 14.52
C GLU A 348 2.93 0.31 14.84
N ASP A 349 3.87 0.02 13.94
CA ASP A 349 5.25 0.42 14.14
C ASP A 349 5.39 1.94 14.10
N VAL A 350 4.63 2.57 13.21
CA VAL A 350 4.64 4.04 13.16
C VAL A 350 4.14 4.63 14.47
N ALA A 351 3.02 4.12 14.97
CA ALA A 351 2.43 4.65 16.21
C ALA A 351 3.37 4.45 17.38
N GLN A 352 4.09 3.33 17.42
CA GLN A 352 5.06 3.15 18.50
C GLN A 352 6.17 4.18 18.38
N LEU A 353 6.63 4.44 17.16
CA LEU A 353 7.67 5.44 16.96
C LEU A 353 7.22 6.82 17.44
N VAL A 354 5.97 7.15 17.14
CA VAL A 354 5.42 8.44 17.56
C VAL A 354 5.35 8.51 19.09
N ASP A 355 4.88 7.45 19.75
CA ASP A 355 4.85 7.41 21.21
C ASP A 355 6.23 7.64 21.79
N GLU A 356 7.20 6.91 21.24
CA GLU A 356 8.59 7.03 21.68
C GLU A 356 9.10 8.44 21.47
N ALA A 357 8.89 9.00 20.28
CA ALA A 357 9.38 10.36 20.04
C ALA A 357 8.71 11.34 21.00
N PHE A 358 7.42 11.16 21.26
CA PHE A 358 6.74 12.09 22.15
C PHE A 358 7.37 12.06 23.54
N GLN A 359 7.68 10.85 23.99
CA GLN A 359 8.34 10.68 25.29
C GLN A 359 9.70 11.37 25.32
N ARG A 360 10.48 11.17 24.26
CA ARG A 360 11.84 11.70 24.25
C ARG A 360 11.91 13.17 23.85
N TYR A 361 10.99 13.66 23.03
CA TYR A 361 11.20 15.03 22.55
C TYR A 361 10.02 15.97 22.71
N HIS A 362 8.81 15.45 22.91
CA HIS A 362 7.67 16.37 22.91
C HIS A 362 6.97 16.40 24.26
N GLY A 363 7.74 16.14 25.31
CA GLY A 363 7.21 16.10 26.67
C GLY A 363 6.91 14.69 27.13
#